data_7IF7
#
_entry.id   7IF7
#
_cell.length_a   45.200
_cell.length_b   73.440
_cell.length_c   52.420
_cell.angle_alpha   90.00
_cell.angle_beta   109.28
_cell.angle_gamma   90.00
#
_symmetry.space_group_name_H-M   'P 1 21 1'
#
loop_
_entity.id
_entity.type
_entity.pdbx_description
1 polymer Endothiapepsin
2 non-polymer '1,3-DIAMINOBENZYL PHENYLALANINE'
3 non-polymer GLYCEROL
4 non-polymer 'DIMETHYL SULFOXIDE'
5 water water
#
_entity_poly.entity_id   1
_entity_poly.type   'polypeptide(L)'
_entity_poly.pdbx_seq_one_letter_code
;STGSATTTPIDSLDDAYITPVQIGTPAQTLNLDFDTGSSDLWVFSSETTASEVDGQTIYTPSKSTTAKLLSGATWSISYG
DGSSSSGDVYTDTVSVGGLTVTGQAVESAKKVSSSFTEDSTIDGLLGLAFSTLNTVSPTQQKTFFDNAKASLDSPVFTAD
LGYHAPGTYNFGFIDTTAYTGSITYTAVSTKQGFWEWTSTGYAVGSGTFKSTSIDGIADTGTTLLYLPATVVSAYWAQVS
GAKSSSSVGGYVFPCSATLPSFTFGVGSARIVIPGDYIDFGPISTGSSSCFGGIQSSAGIGINIFGDVALKAAFVVFNGA
TTPTLGFASK
;
_entity_poly.pdbx_strand_id   A
#
loop_
_chem_comp.id
_chem_comp.type
_chem_comp.name
_chem_comp.formula
DBP non-polymer '1,3-DIAMINOBENZYL PHENYLALANINE' 'C7 H10 N2'
DMS non-polymer 'DIMETHYL SULFOXIDE' 'C2 H6 O S'
GOL non-polymer GLYCEROL 'C3 H8 O3'
#
# COMPACT_ATOMS: atom_id res chain seq x y z
N SER A 1 -6.39 -1.11 -23.31
CA SER A 1 -6.10 -2.36 -22.59
C SER A 1 -6.54 -2.24 -21.13
N THR A 2 -6.61 -3.40 -20.48
CA THR A 2 -6.85 -3.49 -19.04
C THR A 2 -6.03 -4.62 -18.47
N GLY A 3 -5.90 -4.61 -17.14
CA GLY A 3 -5.40 -5.76 -16.41
C GLY A 3 -6.18 -5.96 -15.12
N SER A 4 -6.16 -7.20 -14.62
CA SER A 4 -6.85 -7.54 -13.39
C SER A 4 -6.09 -8.66 -12.70
N ALA A 5 -5.67 -8.42 -11.46
CA ALA A 5 -4.90 -9.41 -10.72
C ALA A 5 -5.42 -9.52 -9.29
N THR A 6 -5.41 -10.74 -8.78
CA THR A 6 -5.81 -10.97 -7.39
C THR A 6 -4.65 -10.66 -6.48
N THR A 7 -4.96 -10.03 -5.35
CA THR A 7 -3.99 -9.71 -4.32
C THR A 7 -4.38 -10.46 -3.05
N THR A 8 -3.38 -11.03 -2.37
CA THR A 8 -3.63 -12.01 -1.31
C THR A 8 -2.89 -11.58 -0.05
N PRO A 9 -3.53 -11.60 1.11
CA PRO A 9 -2.78 -11.31 2.35
C PRO A 9 -1.62 -12.27 2.55
N ILE A 10 -0.51 -11.74 3.08
CA ILE A 10 0.66 -12.60 3.31
C ILE A 10 0.53 -13.44 4.56
N ASP A 11 -0.39 -13.11 5.45
CA ASP A 11 -0.51 -13.80 6.73
C ASP A 11 -1.92 -13.56 7.27
N SER A 12 -2.20 -14.14 8.44
CA SER A 12 -3.55 -14.13 9.00
C SER A 12 -3.95 -12.77 9.55
N LEU A 13 -3.02 -11.81 9.60
CA LEU A 13 -3.29 -10.47 10.11
C LEU A 13 -3.46 -9.44 9.02
N ASP A 14 -3.32 -9.83 7.75
CA ASP A 14 -3.31 -8.86 6.65
C ASP A 14 -2.17 -7.87 6.82
N ASP A 15 -0.99 -8.34 7.20
CA ASP A 15 0.14 -7.43 7.40
C ASP A 15 0.56 -6.76 6.09
N ALA A 16 0.34 -7.43 4.97
CA ALA A 16 0.62 -6.89 3.65
C ALA A 16 -0.10 -7.79 2.67
N TYR A 17 -0.10 -7.38 1.41
CA TYR A 17 -0.74 -8.10 0.33
C TYR A 17 0.26 -8.30 -0.80
N ILE A 18 0.22 -9.48 -1.42
CA ILE A 18 1.09 -9.79 -2.56
C ILE A 18 0.25 -10.09 -3.79
N THR A 19 0.79 -9.67 -4.93
CA THR A 19 0.15 -9.79 -6.22
C THR A 19 1.15 -10.39 -7.19
N PRO A 20 0.79 -11.43 -7.93
CA PRO A 20 1.75 -12.04 -8.87
C PRO A 20 1.99 -11.13 -10.05
N VAL A 21 3.26 -11.03 -10.45
CA VAL A 21 3.73 -10.19 -11.54
C VAL A 21 4.67 -11.00 -12.42
N GLN A 22 4.43 -10.97 -13.73
CA GLN A 22 5.30 -11.65 -14.68
C GLN A 22 6.38 -10.71 -15.18
N ILE A 23 7.63 -11.12 -15.06
CA ILE A 23 8.78 -10.31 -15.48
C ILE A 23 9.64 -11.12 -16.45
N GLY A 24 9.95 -10.55 -17.60
CA GLY A 24 10.89 -11.15 -18.51
C GLY A 24 10.29 -12.15 -19.47
N THR A 25 11.18 -12.73 -20.29
CA THR A 25 10.83 -13.68 -21.34
C THR A 25 11.81 -14.86 -21.32
N PRO A 26 11.35 -16.09 -21.07
CA PRO A 26 10.02 -16.49 -20.61
C PRO A 26 9.71 -15.83 -19.29
N ALA A 27 8.43 -15.79 -18.93
CA ALA A 27 8.00 -15.08 -17.73
C ALA A 27 8.64 -15.71 -16.49
N GLN A 28 9.05 -14.83 -15.58
CA GLN A 28 9.40 -15.20 -14.21
C GLN A 28 8.38 -14.53 -13.32
N THR A 29 7.60 -15.33 -12.57
CA THR A 29 6.51 -14.79 -11.77
C THR A 29 7.02 -14.56 -10.36
N LEU A 30 6.96 -13.31 -9.90
CA LEU A 30 7.32 -12.90 -8.55
C LEU A 30 6.10 -12.32 -7.88
N ASN A 31 6.01 -12.47 -6.56
CA ASN A 31 4.87 -11.96 -5.80
C ASN A 31 5.30 -10.63 -5.17
N LEU A 32 4.75 -9.53 -5.68
CA LEU A 32 5.17 -8.19 -5.29
C LEU A 32 4.11 -7.50 -4.43
N ASP A 33 4.60 -6.61 -3.57
CA ASP A 33 3.77 -5.78 -2.72
C ASP A 33 3.50 -4.48 -3.46
N PHE A 34 2.26 -4.33 -3.95
CA PHE A 34 1.87 -3.12 -4.67
C PHE A 34 1.72 -1.99 -3.65
N ASP A 35 2.47 -0.91 -3.86
CA ASP A 35 2.68 0.09 -2.82
C ASP A 35 2.36 1.48 -3.39
N THR A 36 1.16 2.01 -3.11
CA THR A 36 0.82 3.35 -3.58
C THR A 36 1.52 4.46 -2.81
N GLY A 37 2.38 4.12 -1.87
CA GLY A 37 3.20 5.08 -1.16
C GLY A 37 4.65 5.16 -1.62
N SER A 38 5.04 4.46 -2.67
CA SER A 38 6.39 4.58 -3.22
C SER A 38 6.34 4.35 -4.71
N SER A 39 7.48 4.55 -5.38
CA SER A 39 7.46 4.66 -6.84
C SER A 39 8.58 3.86 -7.52
N ASP A 40 9.12 2.86 -6.84
CA ASP A 40 10.13 1.97 -7.38
C ASP A 40 9.55 0.56 -7.50
N LEU A 41 9.81 -0.09 -8.64
CA LEU A 41 9.53 -1.52 -8.83
C LEU A 41 10.87 -2.20 -8.66
N TRP A 42 11.06 -2.86 -7.52
CA TRP A 42 12.31 -3.53 -7.22
C TRP A 42 12.03 -4.96 -6.81
N VAL A 43 12.99 -5.83 -7.10
CA VAL A 43 12.85 -7.26 -6.88
C VAL A 43 14.11 -7.85 -6.26
N PHE A 44 13.89 -8.87 -5.44
CA PHE A 44 14.95 -9.82 -5.13
C PHE A 44 15.44 -10.44 -6.44
N SER A 45 16.74 -10.71 -6.53
CA SER A 45 17.30 -11.10 -7.81
C SER A 45 18.49 -12.02 -7.63
N SER A 46 19.00 -12.51 -8.77
CA SER A 46 20.26 -13.25 -8.78
C SER A 46 21.45 -12.40 -8.36
N GLU A 47 21.28 -11.08 -8.25
CA GLU A 47 22.33 -10.18 -7.80
C GLU A 47 22.25 -9.89 -6.32
N THR A 48 21.18 -10.29 -5.65
CA THR A 48 21.04 -9.99 -4.23
C THR A 48 22.05 -10.81 -3.42
N THR A 49 22.79 -10.12 -2.55
CA THR A 49 23.70 -10.76 -1.60
C THR A 49 23.07 -12.04 -1.05
N ALA A 50 23.77 -13.16 -1.23
CA ALA A 50 23.16 -14.47 -0.97
C ALA A 50 22.65 -14.60 0.46
N SER A 51 23.41 -14.07 1.42
CA SER A 51 23.01 -14.16 2.82
C SER A 51 21.76 -13.36 3.15
N GLU A 52 21.32 -12.49 2.24
CA GLU A 52 20.15 -11.66 2.46
C GLU A 52 18.92 -12.20 1.75
N VAL A 53 19.01 -13.36 1.12
CA VAL A 53 17.88 -14.05 0.51
C VAL A 53 17.55 -15.24 1.39
N ASP A 54 16.28 -15.35 1.79
CA ASP A 54 15.81 -16.46 2.63
C ASP A 54 14.39 -16.84 2.22
N GLY A 55 14.27 -17.55 1.10
CA GLY A 55 13.01 -18.10 0.69
C GLY A 55 12.28 -17.34 -0.38
N GLN A 56 12.71 -16.11 -0.70
CA GLN A 56 12.06 -15.35 -1.75
C GLN A 56 12.33 -15.95 -3.12
N THR A 57 11.42 -15.71 -4.04
CA THR A 57 11.64 -16.00 -5.44
C THR A 57 12.41 -14.84 -6.06
N ILE A 58 13.43 -15.17 -6.86
CA ILE A 58 14.34 -14.18 -7.42
C ILE A 58 14.11 -14.03 -8.92
N TYR A 59 14.33 -12.80 -9.38
CA TYR A 59 14.43 -12.49 -10.81
C TYR A 59 15.88 -12.69 -11.25
N THR A 60 16.06 -13.43 -12.33
CA THR A 60 17.38 -13.65 -12.91
C THR A 60 17.41 -13.00 -14.30
N PRO A 61 17.94 -11.78 -14.43
CA PRO A 61 17.88 -11.13 -15.75
C PRO A 61 18.61 -11.88 -16.84
N SER A 62 19.66 -12.63 -16.50
CA SER A 62 20.42 -13.33 -17.53
C SER A 62 19.61 -14.44 -18.20
N LYS A 63 18.49 -14.83 -17.59
CA LYS A 63 17.61 -15.84 -18.16
C LYS A 63 16.45 -15.23 -18.95
N SER A 64 16.39 -13.91 -19.05
CA SER A 64 15.33 -13.22 -19.78
C SER A 64 15.89 -12.67 -21.07
N THR A 65 15.32 -13.10 -22.20
CA THR A 65 15.81 -12.66 -23.49
C THR A 65 15.45 -11.21 -23.78
N THR A 66 14.56 -10.60 -23.01
CA THR A 66 14.14 -9.22 -23.18
C THR A 66 14.76 -8.28 -22.16
N ALA A 67 15.55 -8.78 -21.22
CA ALA A 67 16.20 -7.93 -20.22
C ALA A 67 17.38 -7.19 -20.84
N LYS A 68 17.53 -5.92 -20.47
CA LYS A 68 18.67 -5.12 -20.89
C LYS A 68 19.14 -4.29 -19.71
N LEU A 69 20.43 -4.34 -19.42
CA LEU A 69 20.97 -3.48 -18.37
C LEU A 69 20.72 -2.03 -18.74
N LEU A 70 20.22 -1.26 -17.78
CA LEU A 70 20.10 0.18 -17.95
C LEU A 70 21.44 0.75 -17.47
N SER A 71 22.32 1.04 -18.42
CA SER A 71 23.72 1.24 -18.09
C SER A 71 23.90 2.47 -17.22
N GLY A 72 24.62 2.29 -16.11
CA GLY A 72 24.95 3.36 -15.20
C GLY A 72 23.90 3.64 -14.14
N ALA A 73 22.72 3.04 -14.25
CA ALA A 73 21.62 3.37 -13.36
C ALA A 73 21.71 2.60 -12.05
N THR A 74 21.53 3.31 -10.95
CA THR A 74 21.46 2.70 -9.63
C THR A 74 20.24 3.24 -8.91
N TRP A 75 19.86 2.56 -7.83
CA TRP A 75 18.73 2.98 -7.02
C TRP A 75 19.01 2.64 -5.56
N SER A 76 18.36 3.38 -4.68
CA SER A 76 18.52 3.20 -3.24
C SER A 76 17.32 3.84 -2.57
N ILE A 77 16.64 3.09 -1.72
CA ILE A 77 15.40 3.55 -1.13
C ILE A 77 15.34 3.17 0.33
N SER A 78 14.72 4.06 1.12
CA SER A 78 14.46 3.83 2.54
C SER A 78 12.98 4.06 2.77
N TYR A 79 12.38 3.21 3.59
CA TYR A 79 10.94 3.29 3.85
C TYR A 79 10.69 3.74 5.29
N GLY A 80 9.43 4.08 5.55
CA GLY A 80 9.06 4.65 6.84
C GLY A 80 9.24 3.72 8.02
N ASP A 81 9.29 2.41 7.78
CA ASP A 81 9.54 1.45 8.85
C ASP A 81 11.01 1.23 9.11
N GLY A 82 11.89 2.02 8.48
CA GLY A 82 13.31 1.88 8.64
C GLY A 82 13.97 0.87 7.73
N SER A 83 13.20 0.18 6.88
CA SER A 83 13.78 -0.79 5.98
C SER A 83 14.34 -0.10 4.73
N SER A 84 15.13 -0.83 3.96
CA SER A 84 15.82 -0.24 2.82
C SER A 84 16.28 -1.32 1.85
N SER A 85 16.59 -0.89 0.64
CA SER A 85 17.17 -1.77 -0.38
C SER A 85 17.81 -0.89 -1.45
N SER A 86 18.68 -1.51 -2.24
CA SER A 86 19.41 -0.77 -3.26
C SER A 86 19.98 -1.74 -4.29
N GLY A 87 20.34 -1.21 -5.46
CA GLY A 87 20.93 -2.06 -6.49
C GLY A 87 21.10 -1.34 -7.81
N ASP A 88 21.02 -2.12 -8.90
CA ASP A 88 21.15 -1.63 -10.27
C ASP A 88 19.83 -1.89 -11.00
N VAL A 89 19.80 -1.63 -12.30
CA VAL A 89 18.53 -1.51 -13.01
C VAL A 89 18.61 -2.19 -14.36
N TYR A 90 17.56 -2.95 -14.68
CA TYR A 90 17.33 -3.52 -16.00
C TYR A 90 16.02 -2.95 -16.52
N THR A 91 15.87 -2.95 -17.84
CA THR A 91 14.54 -2.80 -18.43
C THR A 91 14.10 -4.17 -18.92
N ASP A 92 12.80 -4.46 -18.78
CA ASP A 92 12.29 -5.75 -19.21
C ASP A 92 10.79 -5.62 -19.38
N THR A 93 10.18 -6.68 -19.91
CA THR A 93 8.75 -6.74 -20.05
C THR A 93 8.11 -7.17 -18.74
N VAL A 94 7.10 -6.42 -18.31
CA VAL A 94 6.41 -6.68 -17.05
C VAL A 94 4.91 -6.73 -17.32
N SER A 95 4.26 -7.80 -16.86
CA SER A 95 2.82 -7.95 -17.01
C SER A 95 2.15 -8.16 -15.67
N VAL A 96 1.01 -7.50 -15.49
CA VAL A 96 0.18 -7.62 -14.30
C VAL A 96 -1.22 -7.98 -14.77
N GLY A 97 -1.68 -9.16 -14.42
CA GLY A 97 -3.07 -9.49 -14.69
C GLY A 97 -3.46 -9.34 -16.13
N GLY A 98 -2.54 -9.65 -17.07
CA GLY A 98 -2.83 -9.55 -18.48
C GLY A 98 -2.45 -8.25 -19.15
N LEU A 99 -2.05 -7.23 -18.38
CA LEU A 99 -1.63 -5.94 -18.91
C LEU A 99 -0.11 -5.91 -19.00
N THR A 100 0.43 -5.64 -20.18
CA THR A 100 1.86 -5.75 -20.44
C THR A 100 2.47 -4.38 -20.70
N VAL A 101 3.59 -4.10 -20.05
CA VAL A 101 4.43 -2.95 -20.34
C VAL A 101 5.79 -3.45 -20.81
N THR A 102 6.21 -2.99 -21.98
CA THR A 102 7.58 -3.26 -22.40
C THR A 102 8.50 -2.12 -21.95
N GLY A 103 9.75 -2.45 -21.70
CA GLY A 103 10.72 -1.44 -21.31
C GLY A 103 10.54 -0.90 -19.91
N GLN A 104 9.86 -1.62 -19.03
CA GLN A 104 9.72 -1.20 -17.64
C GLN A 104 11.05 -1.30 -16.90
N ALA A 105 11.38 -0.27 -16.13
CA ALA A 105 12.52 -0.33 -15.23
C ALA A 105 12.25 -1.32 -14.11
N VAL A 106 13.06 -2.36 -14.05
CA VAL A 106 13.01 -3.39 -13.01
C VAL A 106 14.28 -3.22 -12.20
N GLU A 107 14.13 -2.78 -10.96
CA GLU A 107 15.26 -2.43 -10.12
C GLU A 107 15.69 -3.69 -9.36
N SER A 108 16.88 -4.18 -9.68
CA SER A 108 17.39 -5.44 -9.14
C SER A 108 18.15 -5.16 -7.86
N ALA A 109 17.74 -5.80 -6.76
CA ALA A 109 18.37 -5.53 -5.48
C ALA A 109 19.72 -6.22 -5.40
N LYS A 110 20.74 -5.45 -5.06
CA LYS A 110 22.00 -6.01 -4.61
C LYS A 110 22.03 -6.17 -3.10
N LYS A 111 21.33 -5.29 -2.38
CA LYS A 111 21.26 -5.32 -0.93
C LYS A 111 19.83 -5.07 -0.50
N VAL A 112 19.41 -5.76 0.55
CA VAL A 112 18.14 -5.51 1.21
C VAL A 112 18.36 -5.54 2.71
N SER A 113 17.56 -4.78 3.44
CA SER A 113 17.69 -4.79 4.89
C SER A 113 17.00 -6.01 5.51
N SER A 114 17.26 -6.19 6.81
CA SER A 114 16.89 -7.43 7.48
C SER A 114 15.39 -7.73 7.41
N SER A 115 14.54 -6.70 7.51
CA SER A 115 13.10 -6.97 7.49
CA SER A 115 13.10 -6.97 7.49
C SER A 115 12.66 -7.58 6.17
N PHE A 116 13.29 -7.20 5.07
CA PHE A 116 12.97 -7.81 3.78
C PHE A 116 13.44 -9.26 3.74
N THR A 117 14.68 -9.52 4.16
CA THR A 117 15.18 -10.89 4.20
C THR A 117 14.27 -11.79 5.00
N GLU A 118 13.80 -11.28 6.14
CA GLU A 118 13.05 -12.06 7.11
C GLU A 118 11.61 -12.34 6.68
N ASP A 119 11.14 -11.70 5.62
CA ASP A 119 9.79 -11.91 5.10
C ASP A 119 9.89 -12.66 3.78
N SER A 120 9.72 -13.98 3.85
CA SER A 120 9.90 -14.82 2.68
C SER A 120 8.77 -14.71 1.69
N THR A 121 7.68 -14.05 2.05
CA THR A 121 6.48 -13.98 1.21
C THR A 121 6.50 -12.83 0.22
N ILE A 122 7.39 -11.86 0.38
CA ILE A 122 7.41 -10.66 -0.45
C ILE A 122 8.70 -10.68 -1.29
N ASP A 123 8.53 -10.81 -2.61
CA ASP A 123 9.66 -10.91 -3.54
C ASP A 123 10.12 -9.56 -4.05
N GLY A 124 9.48 -8.48 -3.64
CA GLY A 124 9.79 -7.14 -4.06
C GLY A 124 8.57 -6.26 -3.95
N LEU A 125 8.73 -5.01 -4.41
CA LEU A 125 7.68 -4.00 -4.36
C LEU A 125 7.40 -3.48 -5.75
N LEU A 126 6.14 -3.12 -5.99
CA LEU A 126 5.74 -2.45 -7.22
C LEU A 126 5.11 -1.12 -6.84
N GLY A 127 5.87 -0.04 -7.02
CA GLY A 127 5.44 1.28 -6.59
C GLY A 127 4.38 1.86 -7.51
N LEU A 128 3.39 2.53 -6.90
CA LEU A 128 2.25 3.10 -7.60
C LEU A 128 1.97 4.53 -7.14
N ALA A 129 2.90 5.16 -6.42
CA ALA A 129 2.84 6.59 -6.20
C ALA A 129 3.33 7.32 -7.47
N PHE A 130 3.56 8.62 -7.39
CA PHE A 130 3.91 9.38 -8.58
C PHE A 130 5.39 9.21 -8.90
N SER A 131 5.71 9.20 -10.20
CA SER A 131 7.06 8.87 -10.64
C SER A 131 8.10 9.87 -10.16
N THR A 132 7.69 11.05 -9.72
CA THR A 132 8.63 12.01 -9.14
C THR A 132 9.33 11.49 -7.90
N LEU A 133 8.82 10.43 -7.26
CA LEU A 133 9.49 9.82 -6.11
C LEU A 133 10.44 8.69 -6.50
N ASN A 134 10.51 8.31 -7.77
CA ASN A 134 11.34 7.17 -8.14
C ASN A 134 12.81 7.50 -7.85
N THR A 135 13.54 6.52 -7.30
CA THR A 135 14.89 6.81 -6.80
C THR A 135 15.99 6.52 -7.81
N VAL A 136 15.67 6.07 -9.01
CA VAL A 136 16.74 5.70 -9.95
C VAL A 136 17.54 6.94 -10.34
N SER A 137 18.86 6.79 -10.32
CA SER A 137 19.82 7.82 -10.65
C SER A 137 20.80 7.28 -11.68
N PRO A 138 21.24 8.11 -12.66
CA PRO A 138 20.98 9.55 -12.78
C PRO A 138 19.74 9.90 -13.60
N THR A 139 19.02 8.92 -14.10
CA THR A 139 17.84 9.12 -14.93
C THR A 139 16.65 8.49 -14.21
N GLN A 140 15.80 9.33 -13.66
CA GLN A 140 14.62 8.83 -12.95
C GLN A 140 13.72 8.04 -13.89
N GLN A 141 13.11 6.98 -13.35
CA GLN A 141 12.30 6.05 -14.13
C GLN A 141 10.82 6.15 -13.75
N LYS A 142 9.99 5.71 -14.68
CA LYS A 142 8.53 5.76 -14.52
C LYS A 142 7.99 4.50 -13.85
N THR A 143 6.91 4.67 -13.09
CA THR A 143 6.22 3.52 -12.52
C THR A 143 5.53 2.71 -13.62
N PHE A 144 5.15 1.49 -13.22
CA PHE A 144 4.38 0.62 -14.11
C PHE A 144 3.09 1.28 -14.55
N PHE A 145 2.39 1.96 -13.65
CA PHE A 145 1.14 2.62 -14.02
C PHE A 145 1.40 3.77 -14.98
N ASP A 146 2.43 4.57 -14.73
CA ASP A 146 2.76 5.68 -15.62
CA ASP A 146 2.74 5.68 -15.63
C ASP A 146 3.07 5.17 -17.02
N ASN A 147 3.83 4.08 -17.11
CA ASN A 147 4.16 3.51 -18.41
C ASN A 147 2.93 2.93 -19.10
N ALA A 148 2.00 2.33 -18.35
CA ALA A 148 0.82 1.70 -18.95
C ALA A 148 -0.28 2.69 -19.30
N LYS A 149 -0.31 3.87 -18.69
N LYS A 149 -0.26 3.87 -18.69
CA LYS A 149 -1.56 4.63 -18.65
CA LYS A 149 -1.41 4.76 -18.64
C LYS A 149 -2.04 5.08 -20.02
C LYS A 149 -1.99 5.04 -20.02
N ALA A 150 -1.13 5.40 -20.96
CA ALA A 150 -1.60 5.81 -22.28
C ALA A 150 -2.34 4.68 -22.99
N SER A 151 -1.96 3.44 -22.71
CA SER A 151 -2.57 2.28 -23.35
C SER A 151 -3.87 1.85 -22.69
N LEU A 152 -4.13 2.28 -21.47
CA LEU A 152 -5.27 1.81 -20.71
C LEU A 152 -6.57 2.40 -21.26
N ASP A 153 -7.65 1.64 -21.12
CA ASP A 153 -8.95 2.14 -21.57
C ASP A 153 -9.31 3.43 -20.84
N SER A 154 -8.97 3.53 -19.57
CA SER A 154 -9.17 4.72 -18.75
CA SER A 154 -9.16 4.73 -18.76
C SER A 154 -7.94 4.82 -17.87
N PRO A 155 -7.46 6.04 -17.58
CA PRO A 155 -6.17 6.19 -16.88
C PRO A 155 -6.29 6.05 -15.37
N VAL A 156 -6.66 4.85 -14.93
CA VAL A 156 -7.01 4.59 -13.54
C VAL A 156 -6.50 3.21 -13.13
N PHE A 157 -6.31 3.03 -11.83
CA PHE A 157 -6.24 1.69 -11.26
C PHE A 157 -7.06 1.72 -9.99
N THR A 158 -7.51 0.53 -9.55
CA THR A 158 -8.34 0.42 -8.36
C THR A 158 -7.76 -0.61 -7.41
N ALA A 159 -7.89 -0.33 -6.12
CA ALA A 159 -7.49 -1.23 -5.06
C ALA A 159 -8.73 -1.70 -4.31
N ASP A 160 -8.89 -3.01 -4.22
CA ASP A 160 -10.02 -3.63 -3.55
C ASP A 160 -9.42 -4.70 -2.63
N LEU A 161 -8.91 -4.27 -1.49
CA LEU A 161 -8.22 -5.16 -0.57
C LEU A 161 -9.24 -5.88 0.30
N GLY A 162 -8.99 -7.16 0.55
CA GLY A 162 -9.88 -7.93 1.39
C GLY A 162 -9.48 -7.93 2.85
N TYR A 163 -10.48 -8.14 3.70
CA TYR A 163 -10.25 -8.38 5.12
C TYR A 163 -10.12 -9.88 5.31
N HIS A 164 -8.93 -10.33 5.67
CA HIS A 164 -8.65 -11.74 5.87
C HIS A 164 -9.09 -12.57 4.66
N ALA A 165 -8.89 -12.03 3.46
CA ALA A 165 -9.38 -12.66 2.24
C ALA A 165 -8.69 -12.00 1.05
N PRO A 166 -8.62 -12.69 -0.08
CA PRO A 166 -8.05 -12.06 -1.29
C PRO A 166 -8.93 -10.92 -1.79
N GLY A 167 -8.31 -10.05 -2.57
CA GLY A 167 -8.95 -8.92 -3.21
C GLY A 167 -8.39 -8.75 -4.60
N THR A 168 -8.49 -7.55 -5.16
CA THR A 168 -8.19 -7.33 -6.57
C THR A 168 -7.55 -5.97 -6.78
N TYR A 169 -6.54 -5.95 -7.67
CA TYR A 169 -6.07 -4.72 -8.29
C TYR A 169 -6.48 -4.75 -9.76
N ASN A 170 -7.21 -3.73 -10.19
CA ASN A 170 -7.58 -3.57 -11.60
C ASN A 170 -6.89 -2.35 -12.19
N PHE A 171 -6.51 -2.47 -13.47
CA PHE A 171 -5.89 -1.38 -14.22
C PHE A 171 -6.73 -1.09 -15.45
N GLY A 172 -7.11 0.17 -15.61
CA GLY A 172 -7.73 0.63 -16.83
C GLY A 172 -9.24 0.63 -16.84
N PHE A 173 -9.90 0.18 -15.77
CA PHE A 173 -11.35 0.14 -15.75
C PHE A 173 -11.84 0.10 -14.31
N ILE A 174 -13.09 0.52 -14.11
N ILE A 174 -13.07 0.57 -14.13
CA ILE A 174 -13.74 0.49 -12.80
CA ILE A 174 -13.81 0.49 -12.87
C ILE A 174 -14.83 -0.58 -12.85
C ILE A 174 -14.76 -0.69 -12.98
N ASP A 175 -14.68 -1.61 -12.02
CA ASP A 175 -15.61 -2.74 -11.96
C ASP A 175 -16.80 -2.29 -11.13
N THR A 176 -17.89 -1.96 -11.81
CA THR A 176 -19.06 -1.43 -11.13
C THR A 176 -19.80 -2.47 -10.30
N THR A 177 -19.41 -3.74 -10.38
CA THR A 177 -19.99 -4.78 -9.53
C THR A 177 -19.23 -4.94 -8.21
N ALA A 178 -18.12 -4.22 -8.03
CA ALA A 178 -17.24 -4.47 -6.91
C ALA A 178 -17.50 -3.56 -5.72
N TYR A 179 -18.48 -2.67 -5.79
CA TYR A 179 -18.75 -1.75 -4.69
C TYR A 179 -20.25 -1.51 -4.63
N THR A 180 -20.69 -0.95 -3.51
CA THR A 180 -22.09 -0.59 -3.30
C THR A 180 -22.21 0.92 -3.36
N GLY A 181 -23.41 1.40 -3.64
CA GLY A 181 -23.62 2.84 -3.69
C GLY A 181 -22.81 3.49 -4.80
N SER A 182 -22.38 4.72 -4.54
N SER A 182 -22.38 4.72 -4.54
CA SER A 182 -21.63 5.49 -5.53
CA SER A 182 -21.63 5.51 -5.52
C SER A 182 -20.21 5.73 -5.04
C SER A 182 -20.20 5.72 -5.03
N ILE A 183 -19.33 6.10 -5.96
CA ILE A 183 -17.95 6.44 -5.64
C ILE A 183 -17.90 7.94 -5.39
N THR A 184 -17.32 8.35 -4.27
CA THR A 184 -17.12 9.76 -3.99
C THR A 184 -15.66 10.10 -4.28
N TYR A 185 -15.48 11.07 -5.19
CA TYR A 185 -14.14 11.50 -5.56
C TYR A 185 -13.74 12.75 -4.79
N THR A 186 -12.45 12.85 -4.53
CA THR A 186 -11.89 13.91 -3.70
C THR A 186 -10.54 14.33 -4.28
N ALA A 187 -10.17 15.59 -4.05
CA ALA A 187 -8.98 16.15 -4.69
C ALA A 187 -7.70 15.55 -4.13
N VAL A 188 -6.68 15.53 -4.98
CA VAL A 188 -5.36 15.00 -4.66
C VAL A 188 -4.33 16.09 -4.87
N SER A 189 -3.38 16.20 -3.94
CA SER A 189 -2.17 16.98 -4.14
C SER A 189 -1.03 16.03 -4.46
N THR A 190 -0.32 16.30 -5.55
CA THR A 190 0.86 15.51 -5.91
C THR A 190 2.16 16.17 -5.45
N LYS A 191 2.07 17.23 -4.64
CA LYS A 191 3.25 18.05 -4.33
C LYS A 191 4.33 17.25 -3.60
N GLN A 192 3.96 16.25 -2.81
CA GLN A 192 4.93 15.40 -2.12
C GLN A 192 5.13 14.06 -2.82
N GLY A 193 4.53 13.87 -4.00
CA GLY A 193 4.67 12.63 -4.74
C GLY A 193 3.71 11.52 -4.35
N PHE A 194 2.80 11.78 -3.42
CA PHE A 194 1.86 10.78 -2.89
C PHE A 194 0.46 11.04 -3.39
N TRP A 195 -0.41 10.03 -3.21
CA TRP A 195 -1.85 10.18 -3.38
C TRP A 195 -2.37 10.83 -2.09
N GLU A 196 -2.17 12.15 -2.01
CA GLU A 196 -2.42 12.90 -0.79
C GLU A 196 -3.75 13.61 -0.91
N TRP A 197 -4.59 13.49 0.10
CA TRP A 197 -5.95 13.98 0.06
C TRP A 197 -6.33 14.47 1.46
N THR A 198 -7.52 15.04 1.60
CA THR A 198 -7.98 15.59 2.87
C THR A 198 -9.31 14.95 3.24
N SER A 199 -9.28 14.13 4.29
CA SER A 199 -10.51 13.59 4.85
C SER A 199 -11.28 14.68 5.56
N THR A 200 -12.60 14.56 5.58
CA THR A 200 -13.46 15.57 6.16
C THR A 200 -13.81 15.32 7.62
N GLY A 201 -13.36 14.22 8.22
CA GLY A 201 -13.53 14.05 9.66
C GLY A 201 -13.66 12.59 10.03
N TYR A 202 -14.14 12.36 11.25
CA TYR A 202 -14.18 10.99 11.72
C TYR A 202 -15.26 10.82 12.77
N ALA A 203 -15.62 9.55 13.01
CA ALA A 203 -16.43 9.17 14.16
C ALA A 203 -15.86 7.90 14.77
N VAL A 204 -16.10 7.74 16.07
CA VAL A 204 -15.69 6.53 16.79
C VAL A 204 -16.95 5.76 17.15
N GLY A 205 -17.03 4.51 16.71
CA GLY A 205 -18.21 3.71 17.00
C GLY A 205 -19.48 4.40 16.55
N SER A 206 -20.49 4.39 17.41
CA SER A 206 -21.77 5.02 17.11
C SER A 206 -21.78 6.50 17.49
N GLY A 207 -20.62 7.07 17.82
CA GLY A 207 -20.55 8.45 18.21
C GLY A 207 -20.80 9.43 17.07
N THR A 208 -20.93 10.70 17.45
CA THR A 208 -21.20 11.76 16.49
C THR A 208 -19.97 12.02 15.63
N PHE A 209 -20.22 12.38 14.38
CA PHE A 209 -19.15 12.68 13.44
C PHE A 209 -18.54 14.04 13.77
N LYS A 210 -17.22 14.08 13.85
CA LYS A 210 -16.45 15.30 14.07
C LYS A 210 -15.95 15.79 12.72
N SER A 211 -16.43 16.96 12.30
CA SER A 211 -15.98 17.58 11.06
C SER A 211 -14.64 18.25 11.31
N THR A 212 -13.60 17.78 10.65
CA THR A 212 -12.26 18.31 10.79
C THR A 212 -11.43 17.81 9.63
N SER A 213 -10.59 18.68 9.08
CA SER A 213 -9.78 18.31 7.92
C SER A 213 -8.56 17.52 8.36
N ILE A 214 -8.36 16.34 7.75
CA ILE A 214 -7.23 15.47 8.04
C ILE A 214 -6.51 15.17 6.72
N ASP A 215 -5.39 15.84 6.50
CA ASP A 215 -4.57 15.60 5.30
CA ASP A 215 -4.59 15.60 5.30
C ASP A 215 -3.79 14.31 5.49
N GLY A 216 -3.83 13.43 4.50
CA GLY A 216 -3.05 12.21 4.60
C GLY A 216 -2.91 11.55 3.25
N ILE A 217 -2.25 10.39 3.23
CA ILE A 217 -1.97 9.70 1.97
C ILE A 217 -2.69 8.36 1.93
N ALA A 218 -3.14 7.97 0.75
CA ALA A 218 -3.69 6.64 0.54
C ALA A 218 -2.51 5.72 0.19
N ASP A 219 -2.17 4.82 1.11
CA ASP A 219 -0.94 4.04 1.00
C ASP A 219 -1.19 2.54 1.20
N THR A 220 -1.31 1.81 0.09
CA THR A 220 -1.52 0.37 0.18
C THR A 220 -0.34 -0.36 0.77
N GLY A 221 0.84 0.25 0.76
CA GLY A 221 2.04 -0.37 1.29
C GLY A 221 2.28 -0.19 2.76
N THR A 222 1.38 0.50 3.46
CA THR A 222 1.45 0.62 4.92
C THR A 222 0.31 -0.18 5.52
N THR A 223 0.59 -0.97 6.57
CA THR A 223 -0.41 -1.87 7.11
C THR A 223 -1.54 -1.11 7.84
N LEU A 224 -1.17 -0.17 8.68
CA LEU A 224 -2.09 0.41 9.66
C LEU A 224 -2.58 1.79 9.25
N LEU A 225 -3.46 2.35 10.08
CA LEU A 225 -4.03 3.68 9.90
C LEU A 225 -3.35 4.60 10.92
N TYR A 226 -2.60 5.59 10.43
CA TYR A 226 -1.86 6.52 11.27
C TYR A 226 -2.51 7.90 11.19
N LEU A 227 -3.00 8.41 12.31
CA LEU A 227 -3.77 9.65 12.36
C LEU A 227 -3.28 10.54 13.50
N PRO A 228 -3.72 11.79 13.55
CA PRO A 228 -3.22 12.69 14.61
C PRO A 228 -3.52 12.14 15.99
N ALA A 229 -2.65 12.51 16.94
CA ALA A 229 -2.74 11.97 18.30
C ALA A 229 -4.09 12.25 18.93
N THR A 230 -4.70 13.42 18.64
CA THR A 230 -6.00 13.73 19.22
C THR A 230 -7.05 12.71 18.78
N VAL A 231 -7.05 12.39 17.49
CA VAL A 231 -8.02 11.45 16.93
C VAL A 231 -7.81 10.07 17.50
N VAL A 232 -6.55 9.63 17.55
CA VAL A 232 -6.23 8.29 18.01
C VAL A 232 -6.57 8.14 19.49
N SER A 233 -6.30 9.17 20.29
CA SER A 233 -6.68 9.13 21.71
C SER A 233 -8.18 9.01 21.87
N ALA A 234 -8.95 9.74 21.06
CA ALA A 234 -10.40 9.66 21.14
C ALA A 234 -10.90 8.27 20.80
N TYR A 235 -10.25 7.60 19.86
CA TYR A 235 -10.63 6.23 19.53
C TYR A 235 -10.36 5.28 20.69
N TRP A 236 -9.12 5.22 21.17
CA TRP A 236 -8.73 4.22 22.16
C TRP A 236 -9.34 4.49 23.54
N ALA A 237 -9.77 5.72 23.81
CA ALA A 237 -10.50 6.01 25.03
C ALA A 237 -11.80 5.24 25.13
N GLN A 238 -12.31 4.74 24.01
CA GLN A 238 -13.55 3.96 24.00
C GLN A 238 -13.31 2.47 24.22
N VAL A 239 -12.07 2.05 24.46
CA VAL A 239 -11.72 0.64 24.65
C VAL A 239 -11.17 0.49 26.07
N SER A 240 -11.90 -0.23 26.93
CA SER A 240 -11.46 -0.40 28.31
CA SER A 240 -11.46 -0.38 28.31
C SER A 240 -10.11 -1.07 28.37
N GLY A 241 -9.17 -0.46 29.08
CA GLY A 241 -7.85 -1.02 29.27
C GLY A 241 -6.85 -0.68 28.18
N ALA A 242 -7.27 0.03 27.13
CA ALA A 242 -6.33 0.38 26.08
C ALA A 242 -5.40 1.49 26.57
N LYS A 243 -4.15 1.43 26.10
CA LYS A 243 -3.16 2.41 26.51
C LYS A 243 -2.06 2.48 25.45
N SER A 244 -1.36 3.61 25.43
CA SER A 244 -0.18 3.73 24.60
C SER A 244 1.03 3.23 25.37
N SER A 245 1.74 2.27 24.79
CA SER A 245 2.92 1.66 25.39
C SER A 245 4.17 2.09 24.62
N SER A 246 5.05 2.83 25.29
CA SER A 246 6.32 3.19 24.67
C SER A 246 7.16 1.95 24.40
N SER A 247 7.11 0.96 25.30
CA SER A 247 7.94 -0.23 25.13
C SER A 247 7.49 -1.06 23.93
N VAL A 248 6.19 -1.13 23.69
CA VAL A 248 5.70 -1.88 22.53
C VAL A 248 5.77 -1.04 21.26
N GLY A 249 5.60 0.27 21.38
CA GLY A 249 5.63 1.16 20.24
C GLY A 249 4.29 1.59 19.71
N GLY A 250 3.28 1.67 20.54
CA GLY A 250 1.99 2.19 20.14
C GLY A 250 0.90 1.75 21.10
N TYR A 251 -0.32 1.99 20.68
CA TYR A 251 -1.48 1.60 21.45
C TYR A 251 -1.66 0.09 21.42
N VAL A 252 -1.91 -0.45 22.60
CA VAL A 252 -2.24 -1.85 22.83
C VAL A 252 -3.57 -1.88 23.57
N PHE A 253 -4.23 -3.03 23.51
CA PHE A 253 -5.53 -3.17 24.15
C PHE A 253 -5.71 -4.62 24.59
N PRO A 254 -6.60 -4.87 25.55
CA PRO A 254 -6.82 -6.26 25.97
C PRO A 254 -7.38 -7.09 24.83
N CYS A 255 -6.79 -8.27 24.62
CA CYS A 255 -7.26 -9.09 23.51
C CYS A 255 -8.70 -9.56 23.71
N SER A 256 -9.21 -9.49 24.94
CA SER A 256 -10.61 -9.81 25.22
C SER A 256 -11.59 -8.73 24.81
N ALA A 257 -11.12 -7.58 24.34
CA ALA A 257 -12.01 -6.48 24.00
C ALA A 257 -12.74 -6.74 22.69
N THR A 258 -13.92 -6.14 22.56
CA THR A 258 -14.61 -5.96 21.29
C THR A 258 -14.39 -4.50 20.87
N LEU A 259 -13.75 -4.27 19.71
CA LEU A 259 -13.36 -2.92 19.33
C LEU A 259 -14.52 -2.20 18.64
N PRO A 260 -14.64 -0.90 18.86
CA PRO A 260 -15.60 -0.09 18.09
C PRO A 260 -15.11 0.14 16.67
N SER A 261 -16.06 0.42 15.79
CA SER A 261 -15.71 0.82 14.45
C SER A 261 -15.08 2.22 14.45
N PHE A 262 -14.51 2.58 13.31
CA PHE A 262 -13.98 3.92 13.08
C PHE A 262 -14.45 4.37 11.71
N THR A 263 -15.05 5.55 11.64
CA THR A 263 -15.57 6.11 10.39
C THR A 263 -14.68 7.27 9.96
N PHE A 264 -14.32 7.32 8.68
CA PHE A 264 -13.66 8.51 8.13
C PHE A 264 -14.48 9.12 7.00
N GLY A 265 -14.39 10.44 6.88
CA GLY A 265 -15.14 11.16 5.87
C GLY A 265 -14.38 11.30 4.56
N VAL A 266 -15.13 11.14 3.46
CA VAL A 266 -14.63 11.43 2.12
C VAL A 266 -15.67 12.40 1.56
N GLY A 267 -15.37 13.69 1.52
CA GLY A 267 -16.41 14.64 1.19
C GLY A 267 -17.57 14.46 2.15
N SER A 268 -18.78 14.42 1.59
CA SER A 268 -19.97 14.19 2.39
CA SER A 268 -19.97 14.19 2.39
C SER A 268 -20.23 12.71 2.67
N ALA A 269 -19.43 11.82 2.11
CA ALA A 269 -19.60 10.38 2.28
C ALA A 269 -18.79 9.89 3.47
N ARG A 270 -19.06 8.65 3.85
CA ARG A 270 -18.48 8.07 5.06
C ARG A 270 -18.06 6.64 4.76
N ILE A 271 -16.85 6.28 5.15
CA ILE A 271 -16.36 4.90 5.08
C ILE A 271 -16.22 4.39 6.51
N VAL A 272 -16.83 3.24 6.77
CA VAL A 272 -16.84 2.64 8.11
C VAL A 272 -15.85 1.48 8.14
N ILE A 273 -14.86 1.57 9.01
CA ILE A 273 -13.92 0.49 9.27
C ILE A 273 -14.48 -0.32 10.43
N PRO A 274 -14.88 -1.58 10.23
CA PRO A 274 -15.38 -2.39 11.36
C PRO A 274 -14.31 -2.56 12.42
N GLY A 275 -14.75 -2.69 13.68
CA GLY A 275 -13.83 -2.86 14.79
C GLY A 275 -12.86 -4.00 14.60
N ASP A 276 -13.32 -5.11 14.01
CA ASP A 276 -12.43 -6.27 13.88
C ASP A 276 -11.23 -5.95 12.98
N TYR A 277 -11.38 -5.00 12.05
CA TYR A 277 -10.26 -4.68 11.17
C TYR A 277 -9.12 -4.01 11.93
N ILE A 278 -9.40 -3.53 13.15
CA ILE A 278 -8.44 -2.75 13.93
C ILE A 278 -7.65 -3.64 14.90
N ASP A 279 -7.95 -4.94 14.91
CA ASP A 279 -7.28 -5.89 15.79
C ASP A 279 -6.10 -6.53 15.06
N PHE A 280 -4.89 -6.25 15.53
CA PHE A 280 -3.68 -6.86 14.97
C PHE A 280 -3.06 -7.91 15.88
N GLY A 281 -3.83 -8.44 16.82
CA GLY A 281 -3.49 -9.66 17.51
C GLY A 281 -2.44 -9.46 18.57
N PRO A 282 -2.07 -10.56 19.22
CA PRO A 282 -1.15 -10.47 20.36
C PRO A 282 0.16 -9.80 19.98
N ILE A 283 0.68 -8.99 20.91
CA ILE A 283 1.95 -8.30 20.66
C ILE A 283 3.10 -9.28 20.51
N SER A 284 3.03 -10.41 21.19
CA SER A 284 3.96 -11.51 21.07
C SER A 284 3.14 -12.77 21.26
N THR A 285 3.66 -13.88 20.75
CA THR A 285 2.88 -15.10 20.76
C THR A 285 2.40 -15.44 22.17
N GLY A 286 1.09 -15.66 22.30
CA GLY A 286 0.48 -16.03 23.56
C GLY A 286 0.15 -14.89 24.49
N SER A 287 0.51 -13.67 24.16
CA SER A 287 0.17 -12.54 25.01
C SER A 287 -1.32 -12.23 24.96
N SER A 288 -1.85 -11.73 26.07
CA SER A 288 -3.21 -11.19 26.08
C SER A 288 -3.28 -9.70 25.83
N SER A 289 -2.15 -9.06 25.50
CA SER A 289 -2.14 -7.69 25.02
CA SER A 289 -2.13 -7.69 25.03
C SER A 289 -2.08 -7.71 23.50
N CYS A 290 -3.00 -7.00 22.88
CA CYS A 290 -3.14 -7.00 21.43
C CYS A 290 -2.75 -5.64 20.86
N PHE A 291 -2.23 -5.65 19.62
CA PHE A 291 -1.74 -4.42 19.01
C PHE A 291 -2.83 -3.74 18.20
N GLY A 292 -2.97 -2.44 18.38
CA GLY A 292 -4.01 -1.70 17.71
C GLY A 292 -3.70 -1.35 16.27
N GLY A 293 -4.76 -1.31 15.45
CA GLY A 293 -4.63 -0.99 14.05
C GLY A 293 -4.74 0.47 13.69
N ILE A 294 -5.05 1.31 14.67
CA ILE A 294 -5.07 2.75 14.55
C ILE A 294 -3.99 3.27 15.50
N GLN A 295 -3.03 4.03 14.97
CA GLN A 295 -1.87 4.48 15.72
C GLN A 295 -1.62 5.95 15.42
N SER A 296 -0.88 6.61 16.30
CA SER A 296 -0.59 8.02 16.11
C SER A 296 0.44 8.22 15.00
N SER A 297 0.22 9.27 14.21
CA SER A 297 1.17 9.71 13.20
C SER A 297 2.15 10.75 13.73
N ALA A 298 2.06 11.09 15.01
N ALA A 298 2.10 11.05 15.03
CA ALA A 298 2.97 12.07 15.58
CA ALA A 298 2.82 12.20 15.55
C ALA A 298 4.39 11.51 15.53
C ALA A 298 4.31 12.16 15.20
N GLY A 299 5.29 12.25 14.90
N GLY A 299 4.93 10.99 15.24
CA GLY A 299 6.64 11.78 14.66
CA GLY A 299 6.35 10.89 14.94
C GLY A 299 6.84 11.18 13.29
C GLY A 299 6.73 10.72 13.48
N ILE A 300 5.76 10.84 12.57
CA ILE A 300 5.93 10.46 11.18
C ILE A 300 6.00 11.68 10.26
N GLY A 301 5.28 12.74 10.57
CA GLY A 301 5.23 13.89 9.70
C GLY A 301 4.10 13.89 8.69
N ILE A 302 3.32 12.81 8.63
CA ILE A 302 2.22 12.72 7.67
C ILE A 302 1.22 11.70 8.20
N ASN A 303 -0.05 11.92 7.92
CA ASN A 303 -1.07 10.92 8.24
C ASN A 303 -1.14 9.91 7.11
N ILE A 304 -1.39 8.65 7.46
CA ILE A 304 -1.33 7.56 6.48
C ILE A 304 -2.60 6.73 6.56
N PHE A 305 -3.40 6.75 5.49
CA PHE A 305 -4.53 5.85 5.32
C PHE A 305 -3.99 4.58 4.70
N GLY A 306 -3.49 3.68 5.54
CA GLY A 306 -2.97 2.40 5.14
C GLY A 306 -4.06 1.36 4.98
N ASP A 307 -3.63 0.10 4.95
CA ASP A 307 -4.52 -0.99 4.57
C ASP A 307 -5.74 -1.07 5.48
N VAL A 308 -5.57 -0.81 6.79
CA VAL A 308 -6.71 -0.84 7.72
C VAL A 308 -7.86 0.01 7.21
N ALA A 309 -7.57 1.19 6.68
CA ALA A 309 -8.60 2.06 6.13
C ALA A 309 -8.98 1.66 4.72
N LEU A 310 -7.99 1.42 3.86
CA LEU A 310 -8.31 1.18 2.45
C LEU A 310 -9.10 -0.10 2.25
N LYS A 311 -8.86 -1.14 3.07
CA LYS A 311 -9.56 -2.40 2.87
CA LYS A 311 -9.57 -2.40 2.82
C LYS A 311 -11.05 -2.31 3.18
N ALA A 312 -11.49 -1.26 3.86
CA ALA A 312 -12.90 -1.01 4.09
C ALA A 312 -13.59 -0.37 2.89
N ALA A 313 -12.85 -0.09 1.81
CA ALA A 313 -13.39 0.66 0.69
C ALA A 313 -12.96 0.02 -0.63
N PHE A 314 -13.67 0.41 -1.68
CA PHE A 314 -13.21 0.25 -3.05
C PHE A 314 -12.59 1.58 -3.42
N VAL A 315 -11.31 1.59 -3.79
CA VAL A 315 -10.53 2.82 -3.91
C VAL A 315 -10.07 2.99 -5.35
N VAL A 316 -10.41 4.13 -5.94
CA VAL A 316 -10.02 4.48 -7.30
C VAL A 316 -8.86 5.47 -7.25
N PHE A 317 -7.76 5.09 -7.88
CA PHE A 317 -6.60 5.96 -8.08
C PHE A 317 -6.71 6.48 -9.50
N ASN A 318 -7.23 7.69 -9.64
CA ASN A 318 -7.52 8.29 -10.94
C ASN A 318 -6.32 9.11 -11.39
N GLY A 319 -5.60 8.60 -12.39
CA GLY A 319 -4.41 9.25 -12.92
C GLY A 319 -4.65 10.11 -14.15
N ALA A 320 -5.84 10.68 -14.24
CA ALA A 320 -6.10 11.71 -15.24
C ALA A 320 -5.15 12.89 -15.04
N THR A 321 -5.19 13.81 -16.02
CA THR A 321 -4.29 14.97 -16.02
C THR A 321 -4.27 15.66 -14.68
N THR A 322 -5.45 15.85 -14.07
CA THR A 322 -5.54 16.25 -12.68
C THR A 322 -5.94 15.02 -11.89
N PRO A 323 -5.04 14.39 -11.13
CA PRO A 323 -5.40 13.17 -10.42
C PRO A 323 -6.42 13.42 -9.33
N THR A 324 -7.24 12.40 -9.05
CA THR A 324 -8.15 12.41 -7.91
C THR A 324 -8.20 11.01 -7.31
N LEU A 325 -8.77 10.91 -6.11
N LEU A 325 -8.93 10.88 -6.21
CA LEU A 325 -9.06 9.63 -5.47
CA LEU A 325 -9.04 9.64 -5.46
C LEU A 325 -10.56 9.45 -5.36
C LEU A 325 -10.51 9.40 -5.15
N GLY A 326 -11.02 8.22 -5.53
CA GLY A 326 -12.41 7.87 -5.29
C GLY A 326 -12.52 6.80 -4.23
N PHE A 327 -13.53 6.90 -3.37
CA PHE A 327 -13.84 5.89 -2.36
C PHE A 327 -15.30 5.50 -2.45
N ALA A 328 -15.56 4.20 -2.42
CA ALA A 328 -16.91 3.65 -2.28
C ALA A 328 -16.92 2.62 -1.18
N SER A 329 -18.08 2.46 -0.54
CA SER A 329 -18.28 1.33 0.35
C SER A 329 -18.43 0.06 -0.50
N LYS A 330 -18.31 -1.09 0.16
CA LYS A 330 -18.40 -2.35 -0.56
C LYS A 330 -18.91 -3.48 0.32
N DBP B . 5.78 0.75 3.04
CB DBP B . 6.68 0.05 2.09
CG DBP B . 7.05 -1.37 2.55
CD1 DBP B . 6.28 -2.46 2.07
CE1 DBP B . 6.62 -3.79 2.51
CD2 DBP B . 8.13 -1.59 3.44
CE2 DBP B . 8.42 -2.90 3.84
CZ DBP B . 7.71 -4.00 3.40
NE2 DBP B . 9.56 -3.12 4.78
C1 GOL C . -0.30 15.74 12.77
O1 GOL C . -0.59 16.00 14.12
C2 GOL C . 0.98 14.96 12.69
O2 GOL C . 0.90 13.90 13.63
C3 GOL C . 1.20 14.42 11.29
O3 GOL C . 2.44 13.76 11.31
H11 GOL C . -1.01 15.24 12.34
H12 GOL C . -0.20 16.56 12.26
HO1 GOL C . -0.83 15.28 14.48
H2 GOL C . 1.72 15.56 12.89
HO2 GOL C . 0.23 13.42 13.40
H31 GOL C . 0.47 13.82 11.05
H32 GOL C . 1.19 15.14 10.65
HO3 GOL C . 3.06 14.34 11.30
C1 GOL D . -4.19 17.38 0.42
O1 GOL D . -2.96 18.03 0.70
C2 GOL D . -5.17 18.38 -0.15
O2 GOL D . -4.49 19.47 -0.72
C3 GOL D . -6.04 17.70 -1.21
O3 GOL D . -7.03 18.63 -1.57
H11 GOL D . -4.06 16.67 -0.22
H12 GOL D . -4.58 16.99 1.21
HO1 GOL D . -2.51 17.51 1.19
H2 GOL D . -5.74 18.67 0.57
HO2 GOL D . -4.39 19.32 -1.55
H31 GOL D . -5.49 17.45 -1.97
H32 GOL D . -6.42 16.89 -0.85
HO3 GOL D . -6.75 19.09 -2.23
S DMS E . 9.72 6.29 -0.45
O DMS E . 8.45 7.04 -0.11
C1 DMS E . 10.39 7.09 -1.91
C2 DMS E . 11.00 6.88 0.67
H11 DMS E . 9.86 6.85 -2.68
H12 DMS E . 11.30 6.80 -2.04
H13 DMS E . 10.37 8.05 -1.80
H21 DMS E . 10.76 6.66 1.59
H22 DMS E . 11.09 7.84 0.59
H23 DMS E . 11.84 6.45 0.45
S DMS F . -13.18 16.15 -6.76
O DMS F . -13.71 15.70 -8.11
C1 DMS F . -11.74 17.18 -7.07
C2 DMS F . -14.28 17.47 -6.18
H11 DMS F . -11.66 17.37 -8.02
H12 DMS F . -10.94 16.71 -6.78
H13 DMS F . -11.82 18.01 -6.58
H21 DMS F . -15.18 17.28 -6.44
H22 DMS F . -14.00 18.31 -6.57
H23 DMS F . -14.21 17.53 -5.21
#